data_4KS1
#
_entry.id   4KS1
#
_cell.length_a   90.253
_cell.length_b   90.253
_cell.length_c   94.116
_cell.angle_alpha   90.00
_cell.angle_beta   90.00
_cell.angle_gamma   90.00
#
_symmetry.space_group_name_H-M   'I 4'
#
loop_
_entity.id
_entity.type
_entity.pdbx_description
1 polymer Neuraminidase
2 non-polymer 'CALCIUM ION'
3 non-polymer '(3S,4R,5R)-4-(acetylamino)-3-amino-5-(pentan-3-yloxy)cyclohex-1-ene-1-carboxylic acid'
4 non-polymer 2-acetamido-2-deoxy-beta-D-glucopyranose
5 water water
#
_entity_poly.entity_id   1
_entity_poly.type   'polypeptide(L)'
_entity_poly.pdbx_seq_one_letter_code
;TYMNNTEAICDVKGFAPFSKDNGIRIGSRGHIFVIREPFVSCSPIECRTFFLTQGSLLNDKHSNGTVKDRSPFRTLMSVK
VGQSPNVYQARFEAVAWSATACHDGKKWMTVGVTGPDSKAVAVIHYGGVPTDVINSWAGDILRTQESSCTCIQGDCYWVM
TDGPANRQAQYRIYKANQGRIIGQADISFNGGHIEECSCYPNDGKVECVCRDNWTGTNRPVLVISPDLSYRVGYLCAGIP
SDTPRGEDAQFTGSCTSPMGNQGYGVKGFGFRQGTDVWMGRTISRTSRSGFEILRIKNGWTQTSKEQVRKQVVVDNLNWS
GYSGSFTLPVELSGKDCLVPCFWVEMIRGKPEEKTIWTSSSSIVMCGVDYEIADWSWHDGAILPFDIDKM
;
_entity_poly.pdbx_strand_id   A
#
# COMPACT_ATOMS: atom_id res chain seq x y z
N THR A 1 -10.48 18.76 15.62
CA THR A 1 -11.42 18.83 14.48
C THR A 1 -11.17 17.71 13.48
N TYR A 2 -12.25 17.04 13.07
CA TYR A 2 -12.15 15.96 12.08
C TYR A 2 -11.73 16.52 10.72
N MET A 3 -10.90 15.76 10.01
CA MET A 3 -10.60 16.08 8.62
C MET A 3 -11.82 15.73 7.80
N ASN A 4 -12.28 16.67 6.98
CA ASN A 4 -13.44 16.40 6.14
C ASN A 4 -13.12 15.33 5.11
N ASN A 5 -12.08 15.57 4.30
CA ASN A 5 -11.72 14.67 3.21
C ASN A 5 -12.91 14.33 2.31
N THR A 6 -13.68 15.35 1.97
CA THR A 6 -14.83 15.18 1.09
C THR A 6 -14.53 15.70 -0.30
N GLU A 7 -13.38 16.35 -0.46
CA GLU A 7 -12.99 16.96 -1.73
C GLU A 7 -12.70 15.93 -2.82
N ALA A 8 -12.48 16.44 -4.03
CA ALA A 8 -12.07 15.61 -5.14
C ALA A 8 -10.55 15.47 -5.10
N ILE A 9 -10.06 14.35 -5.61
CA ILE A 9 -8.64 14.16 -5.85
C ILE A 9 -8.18 15.21 -6.88
N CYS A 10 -7.04 15.85 -6.62
CA CYS A 10 -6.49 16.78 -7.59
C CYS A 10 -6.16 16.07 -8.90
N ASP A 11 -6.38 16.74 -10.02
CA ASP A 11 -5.92 16.22 -11.31
C ASP A 11 -4.45 16.59 -11.44
N VAL A 12 -3.61 15.61 -11.74
CA VAL A 12 -2.17 15.87 -11.76
C VAL A 12 -1.50 15.46 -13.08
N LYS A 13 -0.47 16.20 -13.48
CA LYS A 13 0.25 15.95 -14.72
C LYS A 13 1.51 15.11 -14.48
N GLY A 14 1.91 15.01 -13.22
CA GLY A 14 3.11 14.27 -12.89
C GLY A 14 3.32 14.22 -11.39
N PHE A 15 4.40 13.58 -10.97
CA PHE A 15 4.65 13.39 -9.55
C PHE A 15 6.04 13.85 -9.13
N ALA A 16 6.10 14.73 -8.14
CA ALA A 16 7.36 15.23 -7.63
C ALA A 16 7.80 14.41 -6.42
N PRO A 17 9.12 14.18 -6.29
CA PRO A 17 9.66 13.48 -5.13
C PRO A 17 9.39 14.23 -3.82
N PHE A 18 8.76 13.55 -2.87
CA PHE A 18 8.49 14.04 -1.52
C PHE A 18 9.69 13.66 -0.65
N SER A 19 9.96 12.37 -0.53
CA SER A 19 10.96 11.88 0.41
C SER A 19 11.69 10.62 -0.04
N LYS A 20 12.81 10.34 0.63
CA LYS A 20 13.57 9.11 0.45
C LYS A 20 14.32 8.83 1.75
N ASP A 21 14.10 7.65 2.32
CA ASP A 21 14.63 7.39 3.67
C ASP A 21 16.03 6.78 3.71
N ASN A 22 16.45 6.13 2.64
CA ASN A 22 17.78 5.51 2.58
C ASN A 22 18.05 4.54 3.74
N GLY A 23 17.01 3.84 4.18
CA GLY A 23 17.08 3.06 5.41
C GLY A 23 18.13 1.97 5.42
N ILE A 24 18.25 1.27 4.30
CA ILE A 24 19.14 0.12 4.23
C ILE A 24 20.60 0.56 4.07
N ARG A 25 20.84 1.63 3.33
CA ARG A 25 22.17 2.21 3.25
C ARG A 25 22.63 2.71 4.62
N ILE A 26 21.73 3.43 5.29
CA ILE A 26 21.99 3.91 6.63
C ILE A 26 22.19 2.71 7.56
N GLY A 27 21.40 1.67 7.34
CA GLY A 27 21.41 0.49 8.19
C GLY A 27 22.65 -0.38 8.09
N SER A 28 23.58 0.01 7.22
CA SER A 28 24.84 -0.70 7.11
C SER A 28 25.63 -0.46 8.38
N ARG A 29 25.39 0.69 9.01
CA ARG A 29 26.14 1.09 10.21
C ARG A 29 25.22 1.54 11.36
N GLY A 30 24.18 2.28 11.02
CA GLY A 30 23.25 2.78 12.02
C GLY A 30 22.36 1.68 12.57
N HIS A 31 21.47 2.06 13.48
CA HIS A 31 20.58 1.09 14.12
C HIS A 31 19.19 1.17 13.54
N ILE A 32 18.95 0.32 12.55
CA ILE A 32 17.75 0.41 11.72
C ILE A 32 16.99 -0.89 11.77
N PHE A 33 15.68 -0.79 11.96
CA PHE A 33 14.82 -1.96 11.93
C PHE A 33 14.88 -2.65 10.57
N VAL A 34 14.97 -3.98 10.60
CA VAL A 34 14.68 -4.78 9.43
C VAL A 34 13.18 -4.66 9.25
N ILE A 35 12.73 -4.26 8.06
CA ILE A 35 11.31 -4.08 7.86
C ILE A 35 10.87 -4.68 6.55
N ARG A 36 9.56 -4.67 6.35
CA ARG A 36 8.98 -4.66 5.03
C ARG A 36 7.61 -4.02 5.16
N GLU A 37 6.89 -3.96 4.05
CA GLU A 37 5.56 -3.34 4.01
C GLU A 37 5.48 -1.94 4.63
N PRO A 38 6.32 -1.00 4.15
CA PRO A 38 6.17 0.37 4.66
C PRO A 38 5.03 1.07 3.94
N PHE A 39 4.52 2.15 4.53
CA PHE A 39 3.50 2.95 3.90
C PHE A 39 3.38 4.31 4.58
N VAL A 40 2.75 5.26 3.89
CA VAL A 40 2.66 6.62 4.37
C VAL A 40 1.20 7.00 4.59
N SER A 41 0.94 7.74 5.67
CA SER A 41 -0.38 8.30 5.93
C SER A 41 -0.20 9.65 6.64
N CYS A 42 -1.17 10.54 6.52
CA CYS A 42 -0.98 11.90 7.02
C CYS A 42 -2.05 12.36 7.98
N SER A 43 -1.60 13.09 9.01
CA SER A 43 -2.48 13.81 9.92
C SER A 43 -2.56 15.26 9.43
N PRO A 44 -3.33 16.13 10.11
CA PRO A 44 -3.30 17.53 9.67
C PRO A 44 -1.94 18.23 9.86
N ILE A 45 -1.00 17.58 10.55
CA ILE A 45 0.23 18.23 10.98
C ILE A 45 1.49 17.66 10.33
N GLU A 46 1.44 16.38 9.96
CA GLU A 46 2.60 15.73 9.35
C GLU A 46 2.18 14.42 8.68
N CYS A 47 3.04 13.97 7.78
CA CYS A 47 2.94 12.62 7.22
C CYS A 47 3.97 11.73 7.91
N ARG A 48 3.62 10.47 8.09
CA ARG A 48 4.50 9.52 8.78
C ARG A 48 4.67 8.28 7.91
N THR A 49 5.82 7.63 8.03
CA THR A 49 6.00 6.31 7.44
C THR A 49 5.73 5.24 8.49
N PHE A 50 4.76 4.38 8.22
CA PHE A 50 4.52 3.21 9.05
C PHE A 50 5.26 2.04 8.43
N PHE A 51 5.61 1.06 9.25
CA PHE A 51 6.33 -0.11 8.75
C PHE A 51 6.17 -1.28 9.71
N LEU A 52 6.30 -2.49 9.17
CA LEU A 52 6.25 -3.70 9.95
C LEU A 52 7.66 -4.16 10.24
N THR A 53 8.10 -4.07 11.49
CA THR A 53 9.44 -4.53 11.84
C THR A 53 9.50 -6.04 11.88
N GLN A 54 10.70 -6.58 11.85
CA GLN A 54 10.89 -7.99 12.14
C GLN A 54 11.36 -8.17 13.58
N GLY A 55 11.22 -7.12 14.39
CA GLY A 55 11.68 -7.13 15.77
C GLY A 55 13.19 -7.35 15.85
N SER A 56 13.92 -6.86 14.86
CA SER A 56 15.36 -7.07 14.75
C SER A 56 15.99 -5.99 13.89
N LEU A 57 17.32 -5.95 13.86
CA LEU A 57 18.01 -4.84 13.17
C LEU A 57 18.86 -5.31 12.00
N LEU A 58 19.07 -4.42 11.04
CA LEU A 58 19.98 -4.67 9.93
C LEU A 58 21.39 -4.89 10.44
N ASN A 59 22.11 -5.77 9.76
CA ASN A 59 23.48 -6.17 10.14
C ASN A 59 23.60 -6.88 11.49
N ASP A 60 22.48 -7.41 11.98
CA ASP A 60 22.51 -8.24 13.18
C ASP A 60 22.06 -9.67 12.87
N LYS A 61 22.57 -10.63 13.63
CA LYS A 61 22.21 -12.04 13.47
C LYS A 61 20.70 -12.29 13.49
N HIS A 62 19.97 -11.49 14.26
CA HIS A 62 18.53 -11.67 14.36
C HIS A 62 17.77 -11.29 13.08
N SER A 63 18.47 -10.70 12.11
CA SER A 63 17.86 -10.38 10.81
C SER A 63 17.80 -11.60 9.89
N ASN A 64 18.34 -12.72 10.36
CA ASN A 64 18.31 -13.98 9.63
C ASN A 64 16.88 -14.51 9.44
N GLY A 65 16.59 -14.97 8.23
CA GLY A 65 15.28 -15.54 7.91
C GLY A 65 14.16 -14.52 7.80
N THR A 66 14.51 -13.25 7.64
CA THR A 66 13.48 -12.21 7.60
C THR A 66 12.74 -12.08 6.25
N VAL A 67 13.04 -12.99 5.33
CA VAL A 67 12.23 -13.13 4.12
C VAL A 67 10.83 -13.60 4.53
N LYS A 68 10.74 -14.19 5.72
CA LYS A 68 9.49 -14.73 6.26
C LYS A 68 8.47 -13.64 6.58
N ASP A 69 7.19 -13.93 6.34
CA ASP A 69 6.13 -12.94 6.47
C ASP A 69 5.57 -12.75 7.88
N ARG A 70 5.38 -13.83 8.63
CA ARG A 70 4.66 -13.74 9.89
C ARG A 70 5.43 -14.33 11.07
N SER A 71 5.45 -13.60 12.17
CA SER A 71 6.14 -14.04 13.37
C SER A 71 5.56 -13.29 14.57
N PRO A 72 5.82 -13.81 15.78
CA PRO A 72 5.35 -13.14 17.00
C PRO A 72 6.12 -11.88 17.33
N PHE A 73 7.18 -11.61 16.57
CA PHE A 73 8.05 -10.49 16.86
C PHE A 73 7.74 -9.25 16.03
N ARG A 74 6.92 -9.41 15.00
CA ARG A 74 6.67 -8.31 14.07
C ARG A 74 5.77 -7.26 14.72
N THR A 75 6.12 -5.99 14.55
CA THR A 75 5.34 -4.92 15.15
C THR A 75 5.17 -3.78 14.16
N LEU A 76 4.03 -3.10 14.25
CA LEU A 76 3.80 -1.89 13.47
C LEU A 76 4.42 -0.72 14.23
N MET A 77 5.29 0.03 13.56
CA MET A 77 5.89 1.23 14.15
C MET A 77 5.92 2.34 13.12
N SER A 78 6.31 3.55 13.53
CA SER A 78 6.33 4.66 12.59
C SER A 78 7.33 5.77 12.95
N VAL A 79 7.76 6.48 11.92
CA VAL A 79 8.62 7.64 12.07
C VAL A 79 8.06 8.72 11.15
N LYS A 80 8.74 9.85 11.08
CA LYS A 80 8.29 10.93 10.21
C LYS A 80 8.66 10.57 8.78
N VAL A 81 7.88 11.01 7.80
CA VAL A 81 8.15 10.58 6.44
C VAL A 81 9.54 11.06 6.04
N GLY A 82 10.31 10.16 5.42
CA GLY A 82 11.67 10.48 5.01
C GLY A 82 12.73 10.03 5.98
N GLN A 83 12.35 9.85 7.24
CA GLN A 83 13.25 9.28 8.25
C GLN A 83 13.35 7.77 8.05
N SER A 84 14.52 7.22 8.32
CA SER A 84 14.73 5.79 8.26
C SER A 84 13.96 5.13 9.41
N PRO A 85 13.65 3.84 9.29
CA PRO A 85 12.96 3.19 10.42
C PRO A 85 13.96 2.82 11.51
N ASN A 86 14.66 3.83 12.02
CA ASN A 86 15.61 3.62 13.09
C ASN A 86 14.92 3.43 14.44
N VAL A 87 15.62 2.79 15.37
CA VAL A 87 15.08 2.51 16.70
C VAL A 87 14.73 3.78 17.47
N TYR A 88 15.60 4.78 17.37
CA TYR A 88 15.62 5.88 18.32
C TYR A 88 14.65 7.00 17.99
N GLN A 89 14.08 6.95 16.78
CA GLN A 89 13.06 7.91 16.38
C GLN A 89 11.68 7.27 16.19
N ALA A 90 11.55 5.99 16.51
CA ALA A 90 10.33 5.25 16.20
C ALA A 90 9.28 5.33 17.30
N ARG A 91 8.03 5.44 16.87
CA ARG A 91 6.89 5.39 17.78
C ARG A 91 6.27 4.01 17.66
N PHE A 92 6.05 3.33 18.78
CA PHE A 92 5.37 2.05 18.74
C PHE A 92 3.91 2.25 18.39
N GLU A 93 3.37 1.38 17.54
CA GLU A 93 1.97 1.44 17.16
C GLU A 93 1.18 0.23 17.62
N ALA A 94 1.55 -0.94 17.12
CA ALA A 94 0.78 -2.16 17.38
C ALA A 94 1.61 -3.43 17.15
N VAL A 95 1.16 -4.55 17.73
CA VAL A 95 1.77 -5.83 17.40
C VAL A 95 1.12 -6.33 16.09
N ALA A 96 1.93 -6.54 15.06
CA ALA A 96 1.35 -6.74 13.73
C ALA A 96 2.30 -7.40 12.75
N TRP A 97 1.77 -8.35 11.98
CA TRP A 97 2.41 -8.81 10.76
C TRP A 97 1.58 -8.42 9.53
N SER A 98 0.51 -7.67 9.77
CA SER A 98 -0.27 -7.00 8.73
C SER A 98 -0.94 -5.78 9.36
N ALA A 99 -1.01 -4.67 8.62
CA ALA A 99 -1.43 -3.41 9.22
C ALA A 99 -2.08 -2.43 8.27
N THR A 100 -2.82 -1.51 8.85
CA THR A 100 -3.24 -0.30 8.17
C THR A 100 -3.26 0.80 9.22
N ALA A 101 -3.23 2.05 8.77
CA ALA A 101 -3.24 3.18 9.70
C ALA A 101 -3.67 4.46 8.98
N CYS A 102 -4.35 5.32 9.73
CA CYS A 102 -4.85 6.59 9.21
C CYS A 102 -5.25 7.51 10.36
N HIS A 103 -5.31 8.81 10.08
CA HIS A 103 -5.61 9.82 11.08
C HIS A 103 -6.98 10.41 10.75
N ASP A 104 -7.79 10.72 11.76
CA ASP A 104 -9.13 11.24 11.47
C ASP A 104 -9.24 12.76 11.62
N GLY A 105 -8.11 13.41 11.89
CA GLY A 105 -8.12 14.84 12.18
C GLY A 105 -7.91 15.12 13.65
N LYS A 106 -8.28 14.17 14.50
CA LYS A 106 -8.08 14.32 15.93
C LYS A 106 -6.96 13.39 16.43
N LYS A 107 -7.08 12.09 16.14
CA LYS A 107 -6.06 11.13 16.54
C LYS A 107 -5.74 10.08 15.46
N TRP A 108 -4.63 9.38 15.65
CA TRP A 108 -4.26 8.26 14.79
C TRP A 108 -5.02 7.01 15.16
N MET A 109 -5.59 6.36 14.14
CA MET A 109 -6.12 5.02 14.32
C MET A 109 -5.18 4.06 13.61
N THR A 110 -4.82 2.98 14.27
CA THR A 110 -4.01 1.95 13.64
C THR A 110 -4.68 0.61 13.84
N VAL A 111 -4.44 -0.30 12.91
CA VAL A 111 -4.98 -1.64 12.99
C VAL A 111 -3.84 -2.62 12.74
N GLY A 112 -3.49 -3.39 13.76
CA GLY A 112 -2.43 -4.36 13.63
C GLY A 112 -2.95 -5.78 13.78
N VAL A 113 -2.60 -6.64 12.84
CA VAL A 113 -3.04 -8.04 12.88
C VAL A 113 -1.89 -8.94 13.30
N THR A 114 -2.12 -9.72 14.35
CA THR A 114 -1.12 -10.67 14.83
C THR A 114 -1.85 -11.92 15.29
N GLY A 115 -1.13 -12.86 15.89
CA GLY A 115 -1.73 -14.11 16.33
C GLY A 115 -1.47 -15.26 15.37
N PRO A 116 -2.07 -16.43 15.64
CA PRO A 116 -1.91 -17.62 14.79
C PRO A 116 -2.65 -17.49 13.46
N ASP A 117 -2.15 -18.15 12.40
CA ASP A 117 -2.77 -18.07 11.07
C ASP A 117 -4.25 -18.49 11.06
N SER A 118 -4.59 -19.46 11.89
CA SER A 118 -5.93 -20.03 11.90
C SER A 118 -6.94 -19.24 12.72
N LYS A 119 -6.47 -18.28 13.53
CA LYS A 119 -7.34 -17.53 14.42
C LYS A 119 -6.71 -16.18 14.79
N ALA A 120 -6.27 -15.45 13.77
CA ALA A 120 -5.58 -14.18 13.98
C ALA A 120 -6.50 -13.14 14.62
N VAL A 121 -5.89 -12.19 15.33
CA VAL A 121 -6.63 -11.08 15.92
C VAL A 121 -6.14 -9.74 15.38
N ALA A 122 -7.06 -8.91 14.90
CA ALA A 122 -6.72 -7.55 14.52
C ALA A 122 -7.04 -6.64 15.70
N VAL A 123 -6.07 -5.86 16.15
CA VAL A 123 -6.32 -4.91 17.23
C VAL A 123 -6.36 -3.48 16.70
N ILE A 124 -7.46 -2.79 16.96
CA ILE A 124 -7.63 -1.40 16.58
C ILE A 124 -7.18 -0.51 17.72
N HIS A 125 -6.23 0.38 17.42
CA HIS A 125 -5.72 1.34 18.38
C HIS A 125 -6.20 2.71 17.96
N TYR A 126 -6.49 3.55 18.95
CA TYR A 126 -6.87 4.93 18.67
C TYR A 126 -6.27 5.81 19.76
N GLY A 127 -5.47 6.79 19.35
CA GLY A 127 -4.84 7.67 20.31
C GLY A 127 -3.78 6.97 21.16
N GLY A 128 -3.28 5.83 20.68
CA GLY A 128 -2.16 5.18 21.34
C GLY A 128 -2.51 4.01 22.26
N VAL A 129 -3.78 3.60 22.26
CA VAL A 129 -4.24 2.49 23.10
C VAL A 129 -5.25 1.62 22.35
N PRO A 130 -5.33 0.32 22.71
CA PRO A 130 -6.33 -0.58 22.13
C PRO A 130 -7.74 -0.14 22.48
N THR A 131 -8.63 -0.05 21.48
CA THR A 131 -10.00 0.36 21.76
C THR A 131 -11.02 -0.64 21.23
N ASP A 132 -10.59 -1.51 20.31
CA ASP A 132 -11.50 -2.51 19.74
C ASP A 132 -10.70 -3.61 19.04
N VAL A 133 -11.39 -4.70 18.68
CA VAL A 133 -10.73 -5.80 17.96
C VAL A 133 -11.62 -6.47 16.87
N ILE A 134 -10.98 -7.21 15.99
CA ILE A 134 -11.61 -8.03 15.00
C ILE A 134 -10.96 -9.40 14.99
N ASN A 135 -11.74 -10.41 15.32
CA ASN A 135 -11.22 -11.77 15.23
C ASN A 135 -11.41 -12.33 13.84
N SER A 136 -10.49 -13.21 13.43
CA SER A 136 -10.57 -13.90 12.16
C SER A 136 -11.97 -14.49 11.98
N TRP A 137 -12.58 -14.22 10.83
CA TRP A 137 -13.94 -14.70 10.59
C TRP A 137 -13.95 -15.90 9.64
N ALA A 138 -12.79 -16.24 9.09
CA ALA A 138 -12.71 -17.36 8.16
C ALA A 138 -11.53 -18.29 8.45
N GLY A 139 -10.78 -17.98 9.50
CA GLY A 139 -9.77 -18.87 10.02
C GLY A 139 -8.55 -19.11 9.13
N ASP A 140 -8.17 -18.11 8.34
CA ASP A 140 -7.10 -18.29 7.37
C ASP A 140 -6.38 -16.99 7.08
N ILE A 141 -5.48 -16.62 7.99
CA ILE A 141 -4.66 -15.41 7.90
C ILE A 141 -5.49 -14.16 7.65
N LEU A 142 -6.27 -13.76 8.66
CA LEU A 142 -6.90 -12.45 8.67
C LEU A 142 -5.83 -11.41 8.34
N ARG A 143 -6.15 -10.44 7.47
CA ARG A 143 -5.13 -9.52 6.96
C ARG A 143 -5.74 -8.27 6.32
N THR A 144 -4.90 -7.26 6.10
CA THR A 144 -5.41 -5.98 5.62
C THR A 144 -4.47 -5.24 4.65
N GLN A 145 -4.68 -3.93 4.52
CA GLN A 145 -4.17 -3.15 3.39
C GLN A 145 -2.65 -3.08 3.18
N GLU A 146 -1.90 -2.89 4.27
CA GLU A 146 -0.48 -2.51 4.20
C GLU A 146 -0.29 -1.12 3.56
N SER A 147 -1.32 -0.30 3.65
CA SER A 147 -1.19 1.12 3.31
C SER A 147 -2.22 1.91 4.09
N SER A 148 -2.25 3.22 3.86
CA SER A 148 -3.13 4.10 4.62
C SER A 148 -4.59 3.68 4.51
N CYS A 149 -5.30 3.63 5.64
CA CYS A 149 -6.75 3.55 5.58
C CYS A 149 -7.27 4.96 5.33
N THR A 150 -8.59 5.12 5.34
CA THR A 150 -9.18 6.34 4.81
C THR A 150 -10.25 6.93 5.73
N CYS A 151 -10.04 8.16 6.17
CA CYS A 151 -10.96 8.82 7.07
C CYS A 151 -11.71 9.94 6.38
N ILE A 152 -13.03 9.89 6.46
CA ILE A 152 -13.88 10.93 5.89
C ILE A 152 -14.84 11.41 6.96
N GLN A 153 -14.72 12.69 7.32
CA GLN A 153 -15.59 13.33 8.31
C GLN A 153 -15.65 12.61 9.64
N GLY A 154 -14.55 11.98 10.02
CA GLY A 154 -14.46 11.39 11.35
C GLY A 154 -14.67 9.89 11.40
N ASP A 155 -15.16 9.33 10.30
CA ASP A 155 -15.31 7.88 10.20
C ASP A 155 -14.18 7.32 9.34
N CYS A 156 -13.61 6.21 9.75
CA CYS A 156 -12.47 5.64 9.04
C CYS A 156 -12.80 4.28 8.46
N TYR A 157 -12.31 4.04 7.25
CA TYR A 157 -12.70 2.86 6.49
C TYR A 157 -11.46 2.05 6.11
N TRP A 158 -11.60 0.73 6.14
CA TRP A 158 -10.54 -0.11 5.59
C TRP A 158 -11.07 -1.44 5.10
N VAL A 159 -10.22 -2.15 4.37
CA VAL A 159 -10.59 -3.39 3.74
C VAL A 159 -9.74 -4.51 4.32
N MET A 160 -10.39 -5.61 4.68
CA MET A 160 -9.69 -6.79 5.17
C MET A 160 -10.06 -8.03 4.37
N THR A 161 -9.15 -9.00 4.39
CA THR A 161 -9.33 -10.28 3.71
C THR A 161 -9.10 -11.40 4.73
N ASP A 162 -9.87 -12.49 4.60
CA ASP A 162 -9.63 -13.69 5.39
C ASP A 162 -9.91 -14.89 4.49
N GLY A 163 -8.93 -15.78 4.35
CA GLY A 163 -9.08 -16.91 3.45
C GLY A 163 -7.86 -17.15 2.59
N PRO A 164 -7.97 -18.04 1.59
CA PRO A 164 -6.85 -18.45 0.74
C PRO A 164 -6.20 -17.28 -0.02
N ALA A 165 -4.89 -17.38 -0.23
CA ALA A 165 -4.16 -16.37 -0.98
C ALA A 165 -4.08 -16.69 -2.47
N ASN A 166 -4.68 -17.80 -2.88
CA ASN A 166 -4.56 -18.27 -4.27
C ASN A 166 -5.84 -18.87 -4.84
N ARG A 167 -6.94 -18.73 -4.11
CA ARG A 167 -8.25 -19.12 -4.61
C ARG A 167 -9.24 -18.14 -4.01
N GLN A 168 -10.53 -18.39 -4.25
CA GLN A 168 -11.59 -17.56 -3.67
C GLN A 168 -11.41 -17.36 -2.17
N ALA A 169 -11.38 -16.11 -1.74
CA ALA A 169 -11.35 -15.82 -0.31
C ALA A 169 -12.57 -15.04 0.12
N GLN A 170 -12.48 -14.43 1.29
CA GLN A 170 -13.55 -13.56 1.79
C GLN A 170 -13.00 -12.17 2.10
N TYR A 171 -13.78 -11.14 1.80
CA TYR A 171 -13.30 -9.77 1.85
C TYR A 171 -14.34 -8.91 2.56
N ARG A 172 -13.87 -8.00 3.41
CA ARG A 172 -14.79 -7.17 4.17
C ARG A 172 -14.36 -5.71 4.23
N ILE A 173 -15.35 -4.83 4.34
CA ILE A 173 -15.12 -3.42 4.57
C ILE A 173 -15.45 -3.13 6.03
N TYR A 174 -14.54 -2.43 6.72
CA TYR A 174 -14.82 -2.03 8.09
C TYR A 174 -14.90 -0.52 8.22
N LYS A 175 -15.69 -0.08 9.19
CA LYS A 175 -15.89 1.34 9.43
C LYS A 175 -15.78 1.58 10.93
N ALA A 176 -14.98 2.58 11.30
CA ALA A 176 -14.84 2.94 12.70
C ALA A 176 -14.98 4.43 12.94
N ASN A 177 -15.38 4.78 14.16
CA ASN A 177 -15.31 6.14 14.65
C ASN A 177 -14.62 6.12 16.00
N GLN A 178 -13.57 6.93 16.12
CA GLN A 178 -12.79 7.03 17.35
C GLN A 178 -12.34 5.69 17.91
N GLY A 179 -11.94 4.79 17.01
CA GLY A 179 -11.35 3.53 17.40
C GLY A 179 -12.37 2.45 17.67
N ARG A 180 -13.63 2.78 17.47
CA ARG A 180 -14.70 1.83 17.72
C ARG A 180 -15.40 1.42 16.44
N ILE A 181 -15.52 0.11 16.22
CA ILE A 181 -16.14 -0.39 15.01
C ILE A 181 -17.64 -0.09 15.03
N ILE A 182 -18.11 0.64 14.02
CA ILE A 182 -19.52 1.02 13.94
C ILE A 182 -20.21 0.46 12.71
N GLY A 183 -19.50 -0.34 11.93
CA GLY A 183 -20.08 -0.91 10.72
C GLY A 183 -19.12 -1.82 9.97
N GLN A 184 -19.71 -2.79 9.26
CA GLN A 184 -18.92 -3.73 8.46
C GLN A 184 -19.80 -4.34 7.39
N ALA A 185 -19.19 -4.72 6.26
CA ALA A 185 -19.92 -5.42 5.21
C ALA A 185 -19.08 -6.46 4.50
N ASP A 186 -19.72 -7.54 4.08
CA ASP A 186 -19.09 -8.53 3.25
C ASP A 186 -19.09 -8.04 1.82
N ILE A 187 -17.98 -8.23 1.14
CA ILE A 187 -17.87 -7.86 -0.26
C ILE A 187 -18.16 -9.09 -1.11
N SER A 188 -19.23 -9.04 -1.88
CA SER A 188 -19.57 -10.14 -2.78
C SER A 188 -18.76 -10.04 -4.07
N PHE A 189 -17.98 -11.07 -4.37
CA PHE A 189 -16.99 -10.99 -5.44
C PHE A 189 -16.57 -12.38 -5.89
N ASN A 190 -17.55 -13.22 -6.26
CA ASN A 190 -17.28 -14.58 -6.72
C ASN A 190 -16.50 -14.60 -8.03
N GLY A 191 -15.36 -15.28 -8.03
CA GLY A 191 -14.49 -15.32 -9.20
C GLY A 191 -13.37 -14.29 -9.09
N GLY A 192 -13.53 -13.33 -8.18
CA GLY A 192 -12.53 -12.30 -7.97
C GLY A 192 -11.75 -12.51 -6.68
N HIS A 193 -10.64 -11.79 -6.55
CA HIS A 193 -9.75 -11.93 -5.41
C HIS A 193 -9.24 -10.54 -5.01
N ILE A 194 -9.37 -10.21 -3.72
CA ILE A 194 -8.96 -8.89 -3.22
C ILE A 194 -7.91 -8.97 -2.11
N GLU A 195 -6.74 -8.40 -2.36
CA GLU A 195 -5.71 -8.31 -1.34
C GLU A 195 -5.13 -6.92 -1.29
N GLU A 196 -4.66 -6.52 -0.11
CA GLU A 196 -3.78 -5.37 0.04
C GLU A 196 -4.25 -4.13 -0.72
N CYS A 197 -5.45 -3.67 -0.41
CA CYS A 197 -6.02 -2.51 -1.08
C CYS A 197 -5.27 -1.22 -0.75
N SER A 198 -5.06 -0.41 -1.80
CA SER A 198 -4.52 0.93 -1.66
C SER A 198 -5.66 1.91 -1.90
N CYS A 199 -6.03 2.65 -0.85
CA CYS A 199 -7.23 3.46 -0.90
C CYS A 199 -6.94 4.95 -0.74
N TYR A 200 -7.96 5.77 -1.00
CA TYR A 200 -7.83 7.22 -0.88
C TYR A 200 -9.23 7.81 -0.94
N PRO A 201 -9.41 9.03 -0.42
CA PRO A 201 -10.73 9.67 -0.50
C PRO A 201 -10.93 10.40 -1.82
N ASN A 202 -12.14 10.40 -2.36
CA ASN A 202 -12.44 11.09 -3.62
C ASN A 202 -13.95 11.34 -3.70
N ASP A 203 -14.33 12.61 -3.68
CA ASP A 203 -15.74 13.00 -3.79
C ASP A 203 -16.61 12.40 -2.69
N GLY A 204 -16.06 12.29 -1.49
CA GLY A 204 -16.81 11.78 -0.37
C GLY A 204 -16.89 10.27 -0.33
N LYS A 205 -16.16 9.59 -1.22
CA LYS A 205 -16.12 8.14 -1.20
C LYS A 205 -14.70 7.61 -1.04
N VAL A 206 -14.60 6.34 -0.65
CA VAL A 206 -13.31 5.67 -0.58
C VAL A 206 -13.11 4.82 -1.84
N GLU A 207 -12.08 5.17 -2.62
CA GLU A 207 -11.74 4.41 -3.81
C GLU A 207 -10.50 3.55 -3.50
N CYS A 208 -10.52 2.31 -3.96
CA CYS A 208 -9.42 1.39 -3.70
C CYS A 208 -9.01 0.67 -4.98
N VAL A 209 -7.71 0.50 -5.16
CA VAL A 209 -7.16 -0.33 -6.22
C VAL A 209 -6.37 -1.40 -5.52
N CYS A 210 -6.66 -2.67 -5.79
CA CYS A 210 -6.11 -3.74 -4.97
C CYS A 210 -5.29 -4.76 -5.73
N ARG A 211 -5.10 -5.92 -5.10
CA ARG A 211 -4.27 -6.97 -5.66
C ARG A 211 -5.08 -8.26 -5.79
N ASP A 212 -5.22 -8.76 -7.02
CA ASP A 212 -5.77 -10.07 -7.25
C ASP A 212 -4.61 -11.06 -7.24
N ASN A 213 -4.58 -11.92 -6.23
CA ASN A 213 -3.50 -12.90 -6.09
C ASN A 213 -3.92 -14.29 -6.59
N TRP A 214 -5.07 -14.36 -7.24
CA TRP A 214 -5.67 -15.60 -7.73
C TRP A 214 -5.40 -15.86 -9.22
N THR A 215 -6.10 -15.15 -10.09
CA THR A 215 -5.94 -15.35 -11.53
C THR A 215 -5.65 -14.06 -12.32
N GLY A 216 -5.91 -12.91 -11.70
CA GLY A 216 -5.89 -11.64 -12.42
C GLY A 216 -4.57 -10.91 -12.47
N THR A 217 -4.24 -10.36 -13.65
CA THR A 217 -3.07 -9.50 -13.78
C THR A 217 -3.52 -8.04 -13.91
N ASN A 218 -4.84 -7.84 -13.97
CA ASN A 218 -5.41 -6.52 -13.76
C ASN A 218 -5.82 -6.39 -12.29
N ARG A 219 -6.01 -5.16 -11.82
CA ARG A 219 -6.26 -4.93 -10.40
C ARG A 219 -7.74 -4.73 -10.07
N PRO A 220 -8.21 -5.40 -9.01
CA PRO A 220 -9.56 -5.19 -8.48
C PRO A 220 -9.77 -3.74 -8.08
N VAL A 221 -10.98 -3.23 -8.27
CA VAL A 221 -11.34 -1.88 -7.85
C VAL A 221 -12.57 -1.91 -6.94
N LEU A 222 -12.51 -1.13 -5.88
CA LEU A 222 -13.58 -1.08 -4.89
C LEU A 222 -13.90 0.37 -4.58
N VAL A 223 -15.13 0.79 -4.85
CA VAL A 223 -15.57 2.14 -4.47
C VAL A 223 -16.59 2.05 -3.33
N ILE A 224 -16.20 2.60 -2.17
CA ILE A 224 -17.00 2.46 -0.96
C ILE A 224 -17.71 3.76 -0.60
N SER A 225 -19.02 3.65 -0.37
CA SER A 225 -19.82 4.76 0.14
C SER A 225 -19.89 4.66 1.66
N PRO A 226 -20.06 5.82 2.34
CA PRO A 226 -20.07 5.87 3.80
C PRO A 226 -21.10 4.93 4.44
N ASP A 227 -22.19 4.67 3.74
CA ASP A 227 -23.23 3.76 4.23
C ASP A 227 -22.82 2.31 4.04
N LEU A 228 -21.67 2.12 3.40
CA LEU A 228 -21.03 0.81 3.20
C LEU A 228 -21.61 -0.02 2.06
N SER A 229 -22.49 0.55 1.26
CA SER A 229 -22.77 -0.05 -0.04
C SER A 229 -21.49 0.18 -0.84
N TYR A 230 -21.30 -0.57 -1.91
CA TYR A 230 -20.07 -0.48 -2.65
C TYR A 230 -20.28 -0.88 -4.10
N ARG A 231 -19.34 -0.51 -4.94
CA ARG A 231 -19.24 -1.12 -6.27
C ARG A 231 -17.87 -1.77 -6.34
N VAL A 232 -17.84 -3.01 -6.83
CA VAL A 232 -16.59 -3.75 -6.92
C VAL A 232 -16.40 -4.26 -8.35
N GLY A 233 -15.15 -4.31 -8.80
CA GLY A 233 -14.82 -4.81 -10.12
C GLY A 233 -13.34 -4.76 -10.38
N TYR A 234 -12.96 -4.61 -11.65
CA TYR A 234 -11.57 -4.47 -12.03
C TYR A 234 -11.31 -3.15 -12.72
N LEU A 235 -10.11 -2.63 -12.56
CA LEU A 235 -9.70 -1.40 -13.22
C LEU A 235 -9.81 -1.63 -14.72
N CYS A 236 -10.73 -0.90 -15.35
CA CYS A 236 -11.15 -1.16 -16.74
C CYS A 236 -10.02 -1.24 -17.75
N ALA A 237 -9.00 -0.39 -17.56
CA ALA A 237 -7.94 -0.18 -18.56
C ALA A 237 -7.42 -1.46 -19.20
N GLY A 238 -7.14 -1.38 -20.50
CA GLY A 238 -6.63 -2.51 -21.25
C GLY A 238 -5.15 -2.70 -21.04
N ILE A 239 -4.65 -2.14 -19.94
CA ILE A 239 -3.25 -2.28 -19.54
C ILE A 239 -3.18 -3.01 -18.20
N PRO A 240 -2.48 -4.16 -18.15
CA PRO A 240 -2.31 -4.90 -16.91
C PRO A 240 -1.25 -4.25 -16.02
N SER A 241 -1.54 -4.12 -14.72
CA SER A 241 -0.61 -3.42 -13.84
C SER A 241 -0.19 -4.23 -12.61
N ASP A 242 -0.44 -5.54 -12.64
CA ASP A 242 0.02 -6.41 -11.54
C ASP A 242 1.36 -7.03 -11.92
N THR A 243 1.99 -7.75 -10.99
CA THR A 243 3.24 -8.44 -11.27
C THR A 243 3.29 -9.75 -10.52
N PRO A 244 3.41 -10.88 -11.25
CA PRO A 244 3.71 -10.98 -12.68
C PRO A 244 2.50 -10.69 -13.56
N ARG A 245 2.78 -10.31 -14.81
CA ARG A 245 1.74 -10.00 -15.78
C ARG A 245 2.23 -10.37 -17.17
N GLY A 246 1.33 -10.35 -18.14
CA GLY A 246 1.71 -10.56 -19.53
C GLY A 246 2.00 -9.25 -20.23
N GLU A 247 2.27 -9.33 -21.53
CA GLU A 247 2.55 -8.14 -22.33
C GLU A 247 1.28 -7.33 -22.57
N ASP A 248 1.43 -6.01 -22.73
CA ASP A 248 0.30 -5.13 -22.97
C ASP A 248 -0.41 -5.50 -24.25
N ALA A 249 0.36 -5.89 -25.27
CA ALA A 249 -0.18 -6.21 -26.59
C ALA A 249 -1.18 -7.36 -26.52
N GLN A 250 -0.95 -8.29 -25.59
CA GLN A 250 -1.74 -9.51 -25.49
C GLN A 250 -2.82 -9.42 -24.41
N PHE A 251 -3.08 -8.22 -23.93
CA PHE A 251 -4.06 -8.04 -22.86
C PHE A 251 -5.27 -7.31 -23.42
N THR A 252 -6.46 -7.75 -23.04
CA THR A 252 -7.67 -7.08 -23.53
C THR A 252 -8.26 -6.06 -22.56
N GLY A 253 -8.52 -6.48 -21.33
CA GLY A 253 -9.04 -5.58 -20.32
C GLY A 253 -10.51 -5.82 -20.01
N SER A 254 -10.92 -5.46 -18.81
CA SER A 254 -12.30 -5.66 -18.38
C SER A 254 -12.60 -4.85 -17.13
N CYS A 255 -13.79 -4.26 -17.06
CA CYS A 255 -14.20 -3.51 -15.88
C CYS A 255 -14.74 -4.42 -14.79
N THR A 256 -15.04 -5.67 -15.16
CA THR A 256 -15.82 -6.55 -14.29
C THR A 256 -15.10 -7.81 -13.86
N SER A 257 -14.10 -8.22 -14.63
CA SER A 257 -13.54 -9.57 -14.50
C SER A 257 -12.02 -9.61 -14.46
N PRO A 258 -11.47 -10.62 -13.77
CA PRO A 258 -10.00 -10.75 -13.81
C PRO A 258 -9.57 -11.19 -15.21
N MET A 259 -8.39 -10.73 -15.63
CA MET A 259 -7.82 -11.15 -16.90
C MET A 259 -6.34 -11.46 -16.73
N GLY A 260 -5.79 -12.27 -17.64
CA GLY A 260 -4.37 -12.55 -17.66
C GLY A 260 -4.02 -13.97 -17.30
N ASN A 261 -4.92 -14.63 -16.59
CA ASN A 261 -4.72 -16.01 -16.16
C ASN A 261 -3.32 -16.32 -15.59
N GLN A 262 -2.90 -15.53 -14.60
CA GLN A 262 -1.64 -15.79 -13.91
C GLN A 262 -1.85 -15.66 -12.41
N GLY A 263 -1.10 -16.45 -11.64
CA GLY A 263 -1.17 -16.38 -10.19
C GLY A 263 -0.27 -15.29 -9.62
N TYR A 264 -0.20 -15.23 -8.30
CA TYR A 264 0.62 -14.25 -7.58
C TYR A 264 0.23 -12.81 -7.89
N GLY A 265 1.10 -11.88 -7.49
CA GLY A 265 0.83 -10.47 -7.65
C GLY A 265 1.76 -9.63 -6.80
N VAL A 266 1.46 -8.34 -6.69
CA VAL A 266 2.21 -7.44 -5.84
C VAL A 266 1.27 -6.29 -5.48
N LYS A 267 1.40 -5.75 -4.28
CA LYS A 267 0.57 -4.62 -3.90
C LYS A 267 0.88 -3.46 -4.82
N GLY A 268 -0.16 -2.79 -5.28
CA GLY A 268 -0.01 -1.67 -6.19
C GLY A 268 -1.14 -0.69 -5.98
N PHE A 269 -1.16 0.36 -6.78
CA PHE A 269 -2.12 1.43 -6.55
C PHE A 269 -2.61 2.03 -7.86
N GLY A 270 -3.62 2.88 -7.75
CA GLY A 270 -4.11 3.65 -8.87
C GLY A 270 -4.84 4.89 -8.37
N PHE A 271 -4.77 5.97 -9.13
CA PHE A 271 -5.58 7.14 -8.83
C PHE A 271 -6.56 7.47 -9.96
N ARG A 272 -7.83 7.59 -9.63
CA ARG A 272 -8.81 8.10 -10.60
C ARG A 272 -8.54 9.57 -10.89
N GLN A 273 -8.69 9.94 -12.16
CA GLN A 273 -8.57 11.33 -12.59
C GLN A 273 -9.74 11.61 -13.53
N GLY A 274 -10.88 12.00 -12.96
CA GLY A 274 -12.09 12.14 -13.75
C GLY A 274 -12.50 10.76 -14.24
N THR A 275 -12.24 10.47 -15.51
CA THR A 275 -12.43 9.12 -16.05
C THR A 275 -11.09 8.48 -16.43
N ASP A 276 -9.99 9.24 -16.33
CA ASP A 276 -8.68 8.69 -16.59
C ASP A 276 -8.22 7.90 -15.37
N VAL A 277 -7.08 7.23 -15.50
CA VAL A 277 -6.42 6.65 -14.33
C VAL A 277 -4.89 6.76 -14.39
N TRP A 278 -4.30 7.15 -13.26
CA TRP A 278 -2.89 6.93 -13.00
C TRP A 278 -2.73 5.53 -12.40
N MET A 279 -1.99 4.67 -13.08
CA MET A 279 -1.74 3.33 -12.58
C MET A 279 -0.24 3.10 -12.45
N GLY A 280 0.19 2.63 -11.29
CA GLY A 280 1.59 2.30 -11.07
C GLY A 280 1.85 0.84 -11.38
N ARG A 281 3.11 0.51 -11.68
CA ARG A 281 3.47 -0.89 -11.91
C ARG A 281 4.98 -1.03 -11.97
N THR A 282 5.47 -2.26 -11.77
CA THR A 282 6.88 -2.53 -11.98
C THR A 282 7.17 -2.49 -13.47
N ILE A 283 8.38 -2.10 -13.83
CA ILE A 283 8.75 -2.11 -15.23
C ILE A 283 8.79 -3.56 -15.75
N SER A 284 9.46 -4.43 -15.00
CA SER A 284 9.51 -5.84 -15.35
C SER A 284 8.13 -6.47 -15.27
N ARG A 285 7.84 -7.37 -16.20
CA ARG A 285 6.57 -8.07 -16.20
C ARG A 285 6.58 -9.26 -15.25
N THR A 286 7.78 -9.72 -14.89
CA THR A 286 7.91 -10.94 -14.10
C THR A 286 8.49 -10.68 -12.72
N SER A 287 9.36 -9.69 -12.61
CA SER A 287 10.09 -9.46 -11.36
C SER A 287 9.74 -8.11 -10.72
N ARG A 288 10.03 -7.99 -9.43
CA ARG A 288 9.78 -6.74 -8.73
C ARG A 288 10.94 -5.75 -8.92
N SER A 289 11.17 -5.38 -10.17
CA SER A 289 12.23 -4.43 -10.51
C SER A 289 11.64 -3.26 -11.28
N GLY A 290 12.20 -2.07 -11.03
CA GLY A 290 11.76 -0.86 -11.70
C GLY A 290 10.40 -0.39 -11.21
N PHE A 291 10.10 0.88 -11.45
CA PHE A 291 8.77 1.40 -11.17
C PHE A 291 8.40 2.58 -12.06
N GLU A 292 7.23 2.48 -12.68
CA GLU A 292 6.72 3.52 -13.56
C GLU A 292 5.26 3.77 -13.23
N ILE A 293 4.75 4.92 -13.65
CA ILE A 293 3.33 5.21 -13.49
C ILE A 293 2.77 5.76 -14.81
N LEU A 294 1.65 5.19 -15.26
CA LEU A 294 1.05 5.58 -16.53
C LEU A 294 -0.28 6.27 -16.29
N ARG A 295 -0.53 7.34 -17.04
CA ARG A 295 -1.85 7.91 -17.08
C ARG A 295 -2.55 7.37 -18.32
N ILE A 296 -3.62 6.61 -18.10
CA ILE A 296 -4.37 6.03 -19.20
C ILE A 296 -5.64 6.83 -19.41
N LYS A 297 -5.80 7.43 -20.58
CA LYS A 297 -6.99 8.22 -20.87
C LYS A 297 -8.25 7.36 -20.80
N ASN A 298 -9.25 7.82 -20.04
CA ASN A 298 -10.49 7.06 -19.85
C ASN A 298 -10.26 5.65 -19.26
N GLY A 299 -9.11 5.46 -18.62
CA GLY A 299 -8.72 4.14 -18.16
C GLY A 299 -9.51 3.64 -16.96
N TRP A 300 -10.23 4.55 -16.32
CA TRP A 300 -10.99 4.17 -15.14
C TRP A 300 -12.34 3.58 -15.51
N THR A 301 -12.86 4.02 -16.66
CA THR A 301 -14.24 3.74 -17.03
C THR A 301 -14.36 2.90 -18.30
N GLN A 302 -13.25 2.65 -18.96
CA GLN A 302 -13.27 1.75 -20.10
C GLN A 302 -11.93 1.07 -20.36
N THR A 303 -11.96 0.06 -21.22
CA THR A 303 -10.80 -0.78 -21.50
C THR A 303 -9.72 -0.09 -22.33
N SER A 304 -9.54 1.20 -22.09
CA SER A 304 -8.62 2.03 -22.87
C SER A 304 -7.15 1.64 -22.76
N LYS A 305 -6.43 1.80 -23.86
CA LYS A 305 -5.00 1.52 -23.90
C LYS A 305 -4.26 2.81 -24.21
N GLU A 306 -5.01 3.92 -24.20
CA GLU A 306 -4.46 5.21 -24.61
C GLU A 306 -3.63 5.87 -23.50
N GLN A 307 -2.33 5.60 -23.55
CA GLN A 307 -1.38 6.14 -22.58
C GLN A 307 -0.99 7.56 -22.94
N VAL A 308 -1.29 8.49 -22.05
CA VAL A 308 -1.08 9.90 -22.34
C VAL A 308 0.09 10.51 -21.57
N ARG A 309 0.45 9.89 -20.44
CA ARG A 309 1.64 10.28 -19.69
C ARG A 309 2.33 9.05 -19.14
N LYS A 310 3.65 9.12 -19.03
CA LYS A 310 4.44 8.05 -18.42
C LYS A 310 5.63 8.62 -17.68
N GLN A 311 5.81 8.22 -16.43
CA GLN A 311 6.92 8.69 -15.63
C GLN A 311 7.59 7.55 -14.87
N VAL A 312 8.91 7.45 -14.99
CA VAL A 312 9.68 6.42 -14.30
C VAL A 312 10.28 6.98 -13.02
N VAL A 313 10.14 6.25 -11.91
CA VAL A 313 10.74 6.69 -10.64
C VAL A 313 11.82 5.74 -10.12
N VAL A 314 11.84 4.51 -10.63
CA VAL A 314 12.90 3.55 -10.33
C VAL A 314 13.21 2.79 -11.62
N ASP A 315 14.46 2.76 -12.07
CA ASP A 315 14.75 2.09 -13.35
C ASP A 315 14.77 0.56 -13.24
N ASN A 316 14.75 -0.11 -14.38
CA ASN A 316 14.61 -1.57 -14.38
C ASN A 316 15.92 -2.28 -14.04
N LEU A 317 16.97 -1.54 -13.74
CA LEU A 317 18.18 -2.15 -13.23
C LEU A 317 18.13 -2.25 -11.71
N ASN A 318 17.00 -1.87 -11.12
CA ASN A 318 16.89 -1.81 -9.68
C ASN A 318 15.62 -2.38 -9.11
N TRP A 319 15.72 -2.86 -7.87
CA TRP A 319 14.62 -3.55 -7.22
C TRP A 319 13.55 -2.59 -6.73
N SER A 320 12.30 -3.00 -6.95
CA SER A 320 11.19 -2.28 -6.40
C SER A 320 10.44 -3.21 -5.44
N GLY A 321 9.12 -3.26 -5.56
CA GLY A 321 8.29 -4.00 -4.63
C GLY A 321 6.90 -3.37 -4.52
N TYR A 322 6.37 -3.33 -3.31
CA TYR A 322 5.05 -2.78 -3.07
C TYR A 322 4.95 -1.29 -3.42
N SER A 323 3.72 -0.82 -3.56
CA SER A 323 3.44 0.59 -3.74
C SER A 323 2.03 0.86 -3.25
N GLY A 324 1.77 2.06 -2.75
CA GLY A 324 0.49 2.37 -2.15
C GLY A 324 0.11 3.83 -2.23
N SER A 325 -1.15 4.11 -1.95
CA SER A 325 -1.71 5.45 -2.11
C SER A 325 -1.99 6.14 -0.80
N PHE A 326 -1.90 7.47 -0.80
CA PHE A 326 -2.36 8.29 0.32
C PHE A 326 -2.63 9.68 -0.22
N THR A 327 -3.30 10.51 0.56
CA THR A 327 -3.54 11.89 0.12
C THR A 327 -2.99 12.89 1.13
N LEU A 328 -2.66 14.08 0.65
CA LEU A 328 -2.23 15.15 1.52
C LEU A 328 -3.47 15.81 2.08
N PRO A 329 -3.50 16.02 3.40
CA PRO A 329 -4.62 16.78 3.96
C PRO A 329 -4.65 18.18 3.37
N VAL A 330 -5.85 18.67 3.14
CA VAL A 330 -6.05 20.06 2.73
C VAL A 330 -5.38 21.01 3.71
N GLU A 331 -5.44 20.67 5.00
CA GLU A 331 -4.82 21.47 6.06
C GLU A 331 -3.30 21.58 5.92
N LEU A 332 -2.69 20.69 5.13
CA LEU A 332 -1.25 20.74 4.92
C LEU A 332 -0.88 21.27 3.55
N SER A 333 -1.62 20.86 2.53
CA SER A 333 -1.33 21.27 1.16
C SER A 333 -1.78 22.70 0.91
N GLY A 334 -2.90 23.09 1.51
CA GLY A 334 -3.52 24.37 1.22
C GLY A 334 -4.33 24.37 -0.05
N LYS A 335 -4.63 23.18 -0.57
CA LYS A 335 -5.39 23.04 -1.82
C LYS A 335 -6.88 22.96 -1.54
N ASP A 336 -7.70 23.18 -2.57
CA ASP A 336 -9.12 22.88 -2.47
C ASP A 336 -9.41 21.47 -2.99
N CYS A 337 -8.34 20.71 -3.24
CA CYS A 337 -8.49 19.32 -3.66
C CYS A 337 -7.48 18.44 -2.91
N LEU A 338 -7.71 17.13 -2.93
CA LEU A 338 -6.83 16.19 -2.27
C LEU A 338 -5.64 15.78 -3.15
N VAL A 339 -4.44 16.20 -2.76
CA VAL A 339 -3.23 15.86 -3.51
C VAL A 339 -2.95 14.36 -3.43
N PRO A 340 -2.97 13.68 -4.59
CA PRO A 340 -2.67 12.26 -4.64
C PRO A 340 -1.17 12.01 -4.50
N CYS A 341 -0.78 11.15 -3.56
CA CYS A 341 0.61 10.77 -3.39
C CYS A 341 0.76 9.27 -3.32
N PHE A 342 1.92 8.75 -3.71
CA PHE A 342 2.21 7.34 -3.56
C PHE A 342 3.61 7.09 -3.01
N TRP A 343 3.84 5.89 -2.50
CA TRP A 343 5.15 5.48 -2.03
C TRP A 343 5.55 4.21 -2.76
N VAL A 344 6.84 3.99 -2.90
CA VAL A 344 7.32 2.78 -3.52
C VAL A 344 8.25 2.10 -2.54
N GLU A 345 7.97 0.83 -2.26
CA GLU A 345 8.85 0.01 -1.44
C GLU A 345 9.94 -0.58 -2.33
N MET A 346 11.18 -0.51 -1.86
CA MET A 346 12.29 -1.08 -2.60
C MET A 346 12.95 -2.21 -1.81
N ILE A 347 12.63 -3.43 -2.22
CA ILE A 347 13.03 -4.62 -1.47
C ILE A 347 14.45 -5.07 -1.79
N ARG A 348 15.23 -5.32 -0.74
CA ARG A 348 16.61 -5.78 -0.87
C ARG A 348 16.80 -7.06 -0.06
N GLY A 349 17.66 -7.94 -0.56
CA GLY A 349 17.89 -9.20 0.10
C GLY A 349 17.16 -10.35 -0.59
N LYS A 350 16.68 -11.31 0.22
CA LYS A 350 16.03 -12.50 -0.31
C LYS A 350 14.63 -12.19 -0.83
N PRO A 351 14.18 -12.93 -1.86
CA PRO A 351 14.83 -14.09 -2.47
C PRO A 351 15.81 -13.76 -3.60
N GLU A 352 15.85 -12.50 -4.03
CA GLU A 352 16.67 -12.13 -5.19
C GLU A 352 18.16 -12.01 -4.92
N GLU A 353 18.53 -11.67 -3.69
CA GLU A 353 19.92 -11.34 -3.41
C GLU A 353 20.62 -12.22 -2.38
N LYS A 354 21.94 -12.07 -2.29
CA LYS A 354 22.80 -13.00 -1.55
C LYS A 354 22.98 -12.63 -0.09
N THR A 355 21.87 -12.63 0.64
CA THR A 355 21.86 -12.22 2.03
C THR A 355 21.04 -13.20 2.85
N ILE A 356 21.15 -13.10 4.17
CA ILE A 356 20.38 -13.93 5.07
C ILE A 356 19.09 -13.20 5.43
N TRP A 357 18.97 -11.97 4.96
CA TRP A 357 17.90 -11.09 5.40
C TRP A 357 17.08 -10.53 4.24
N THR A 358 15.90 -10.01 4.58
CA THR A 358 15.10 -9.23 3.66
C THR A 358 14.65 -7.95 4.38
N SER A 359 14.83 -6.82 3.71
CA SER A 359 14.30 -5.55 4.19
C SER A 359 13.92 -4.67 3.01
N SER A 360 13.60 -3.41 3.28
CA SER A 360 13.26 -2.47 2.21
C SER A 360 13.34 -1.00 2.65
N SER A 361 13.51 -0.12 1.67
CA SER A 361 13.46 1.33 1.93
C SER A 361 12.36 1.91 1.05
N SER A 362 12.16 3.22 1.13
CA SER A 362 11.06 3.80 0.38
C SER A 362 11.36 5.16 -0.24
N ILE A 363 10.68 5.42 -1.36
CA ILE A 363 10.69 6.72 -2.01
C ILE A 363 9.23 7.18 -2.05
N VAL A 364 8.99 8.47 -1.82
CA VAL A 364 7.62 8.99 -1.78
C VAL A 364 7.43 10.12 -2.79
N MET A 365 6.32 10.06 -3.53
CA MET A 365 6.04 11.00 -4.61
C MET A 365 4.66 11.64 -4.43
N CYS A 366 4.51 12.90 -4.81
CA CYS A 366 3.21 13.58 -4.71
C CYS A 366 2.85 14.29 -6.01
N GLY A 367 1.57 14.18 -6.39
CA GLY A 367 1.08 14.76 -7.63
C GLY A 367 1.23 16.28 -7.70
N VAL A 368 1.67 16.76 -8.86
CA VAL A 368 1.82 18.20 -9.10
C VAL A 368 1.21 18.62 -10.43
N ASP A 369 1.24 19.93 -10.71
CA ASP A 369 0.69 20.48 -11.94
C ASP A 369 1.65 20.43 -13.11
N TYR A 370 2.73 19.68 -12.99
CA TYR A 370 3.75 19.68 -14.03
C TYR A 370 4.18 18.27 -14.38
N GLU A 371 4.67 18.09 -15.60
CA GLU A 371 5.38 16.87 -15.95
C GLU A 371 6.72 16.82 -15.25
N ILE A 372 7.07 15.65 -14.72
CA ILE A 372 8.34 15.45 -14.04
C ILE A 372 9.19 14.46 -14.82
N ALA A 373 10.47 14.78 -14.99
CA ALA A 373 11.37 13.94 -15.77
C ALA A 373 11.59 12.55 -15.16
N ASP A 374 11.83 11.57 -16.03
CA ASP A 374 12.17 10.23 -15.58
C ASP A 374 13.47 10.23 -14.80
N TRP A 375 13.53 9.46 -13.72
CA TRP A 375 14.78 9.17 -13.04
C TRP A 375 14.65 7.89 -12.23
N SER A 376 15.66 7.62 -11.42
CA SER A 376 15.63 6.45 -10.57
C SER A 376 16.12 6.84 -9.20
N TRP A 377 15.21 6.86 -8.23
CA TRP A 377 15.61 7.05 -6.84
C TRP A 377 15.63 5.70 -6.15
N HIS A 378 16.53 4.83 -6.61
CA HIS A 378 16.62 3.47 -6.10
C HIS A 378 17.26 3.37 -4.72
N ASP A 379 17.16 2.18 -4.12
CA ASP A 379 17.63 1.94 -2.78
C ASP A 379 19.11 2.29 -2.62
N GLY A 380 19.95 1.76 -3.50
CA GLY A 380 21.37 2.11 -3.50
C GLY A 380 22.27 1.44 -2.47
N ALA A 381 21.74 0.53 -1.68
CA ALA A 381 22.59 -0.21 -0.74
C ALA A 381 23.46 -1.23 -1.45
N ILE A 382 24.63 -1.48 -0.89
CA ILE A 382 25.60 -2.38 -1.47
C ILE A 382 25.60 -3.71 -0.74
N LEU A 383 25.09 -4.75 -1.39
CA LEU A 383 24.96 -6.07 -0.77
C LEU A 383 26.07 -7.01 -1.25
N PRO A 384 26.46 -7.99 -0.42
CA PRO A 384 25.96 -8.35 0.91
C PRO A 384 26.42 -7.39 2.00
N PHE A 385 25.84 -7.50 3.19
CA PHE A 385 26.29 -6.75 4.35
C PHE A 385 27.25 -7.61 5.17
N ASP A 386 27.86 -7.00 6.18
CA ASP A 386 28.83 -7.70 7.04
C ASP A 386 28.25 -9.00 7.62
N ILE A 387 27.00 -8.93 8.07
CA ILE A 387 26.37 -10.05 8.77
C ILE A 387 26.18 -11.24 7.85
N ASP A 388 26.25 -11.00 6.54
CA ASP A 388 26.10 -12.05 5.54
C ASP A 388 27.42 -12.78 5.28
N LYS A 389 28.52 -12.24 5.80
CA LYS A 389 29.83 -12.84 5.59
C LYS A 389 30.22 -13.72 6.77
#